data_5YT2
#
_entry.id   5YT2
#
_cell.length_a   44.565
_cell.length_b   51.565
_cell.length_c   132.490
_cell.angle_alpha   90.00
_cell.angle_beta   90.00
_cell.angle_gamma   90.00
#
_symmetry.space_group_name_H-M   'P 21 21 21'
#
loop_
_entity.id
_entity.type
_entity.pdbx_description
1 polymer 'Vitamin D3 receptor'
2 non-polymer (1R,2S,3R)-5-[(E)-2-[(1R,3aS,7aR)-7a-methyl-1-[(2R)-6-methyl-6-oxidanyl-heptan-2-yl]-1,2,3,3a,6,7-hexahydroinden-4-yl]ethenyl]-2-(3-oxidanylpropyl)cyclohex-4-ene-1,3-diol
3 water water
#
_entity_poly.entity_id   1
_entity_poly.type   'polypeptide(L)'
_entity_poly.pdbx_seq_one_letter_code
;DSLRPKLSEEQQRIIAILLDAHHKTYDPTYSDFCQFRPPVRVNDGGGSVTLELSQLSMLPHLADLVSYSIQKVIGFAKMI
PGFRDLTSEDQIVLLKSSAIEVIMLRSNESFTMDDMSWTCGNQDYKYRVSDVTKAGHSLELIEPLIKFQVGLKKLNLHEE
EHVLLMAICIVSPDRPGVQDAALIEAIQDRLSNTLQTYIRCRHPPPGSHLLYAKMIQKLADLRSLNEEHSKQYRCLSFQP
ECSMKLTPLVLEVFG
;
_entity_poly.pdbx_strand_id   A
#
# COMPACT_ATOMS: atom_id res chain seq x y z
N ASP A 1 29.08 7.69 -20.24
CA ASP A 1 28.35 7.16 -21.45
C ASP A 1 26.81 7.08 -21.28
N SER A 2 26.34 6.61 -20.12
CA SER A 2 24.93 6.77 -19.71
C SER A 2 23.85 6.49 -20.80
N LEU A 3 23.62 5.21 -21.12
CA LEU A 3 22.67 4.84 -22.21
C LEU A 3 21.21 5.07 -21.81
N ARG A 4 20.40 5.44 -22.80
CA ARG A 4 18.97 5.62 -22.58
C ARG A 4 18.17 4.84 -23.61
N PRO A 5 18.17 3.48 -23.49
CA PRO A 5 17.33 2.71 -24.41
C PRO A 5 15.88 3.18 -24.36
N LYS A 6 15.22 3.06 -25.50
CA LYS A 6 13.81 3.33 -25.63
C LYS A 6 13.06 2.21 -24.98
N LEU A 7 11.85 2.51 -24.52
CA LEU A 7 10.95 1.48 -24.06
C LEU A 7 10.68 0.53 -25.22
N SER A 8 10.74 -0.77 -24.97
CA SER A 8 10.36 -1.73 -25.97
C SER A 8 8.84 -1.72 -26.13
N GLU A 9 8.33 -2.41 -27.15
N GLU A 9 8.34 -2.41 -27.16
CA GLU A 9 6.90 -2.51 -27.34
CA GLU A 9 6.90 -2.53 -27.35
C GLU A 9 6.27 -3.24 -26.16
C GLU A 9 6.28 -3.24 -26.17
N GLU A 10 6.93 -4.32 -25.72
CA GLU A 10 6.51 -5.07 -24.55
C GLU A 10 6.50 -4.27 -23.22
N GLN A 11 7.49 -3.42 -23.01
CA GLN A 11 7.55 -2.58 -21.81
C GLN A 11 6.43 -1.55 -21.87
N GLN A 12 6.23 -0.97 -23.05
CA GLN A 12 5.07 -0.09 -23.31
C GLN A 12 3.72 -0.75 -23.02
N ARG A 13 3.61 -2.04 -23.33
N ARG A 13 3.59 -2.03 -23.39
CA ARG A 13 2.39 -2.80 -23.11
CA ARG A 13 2.39 -2.80 -23.11
C ARG A 13 2.20 -3.15 -21.64
C ARG A 13 2.24 -2.94 -21.61
N ILE A 14 3.32 -3.40 -20.96
CA ILE A 14 3.33 -3.61 -19.48
C ILE A 14 2.83 -2.35 -18.76
N ILE A 15 3.39 -1.19 -19.11
CA ILE A 15 2.93 0.07 -18.51
C ILE A 15 1.42 0.34 -18.76
N ALA A 16 0.97 0.18 -20.01
CA ALA A 16 -0.45 0.33 -20.38
C ALA A 16 -1.39 -0.57 -19.54
N ILE A 17 -1.03 -1.83 -19.43
CA ILE A 17 -1.80 -2.79 -18.64
C ILE A 17 -1.88 -2.39 -17.14
N LEU A 18 -0.75 -1.94 -16.60
CA LEU A 18 -0.67 -1.55 -15.17
C LEU A 18 -1.44 -0.27 -14.91
N LEU A 19 -1.34 0.71 -15.80
CA LEU A 19 -2.18 1.90 -15.72
C LEU A 19 -3.68 1.54 -15.74
N ASP A 20 -4.10 0.74 -16.72
CA ASP A 20 -5.49 0.27 -16.81
C ASP A 20 -5.92 -0.46 -15.55
N ALA A 21 -5.08 -1.40 -15.09
CA ALA A 21 -5.40 -2.16 -13.88
C ALA A 21 -5.60 -1.20 -12.69
N HIS A 22 -4.72 -0.22 -12.53
CA HIS A 22 -4.90 0.79 -11.45
C HIS A 22 -6.19 1.64 -11.62
N HIS A 23 -6.48 2.12 -12.84
CA HIS A 23 -7.70 2.93 -13.05
C HIS A 23 -8.97 2.15 -12.74
N LYS A 24 -8.91 0.84 -12.90
CA LYS A 24 -10.05 -0.04 -12.63
C LYS A 24 -10.22 -0.43 -11.17
N THR A 25 -9.19 -0.19 -10.37
CA THR A 25 -9.20 -0.67 -8.97
C THR A 25 -8.99 0.39 -7.93
N TYR A 26 -8.83 1.64 -8.38
CA TYR A 26 -8.64 2.78 -7.51
C TYR A 26 -9.63 3.86 -7.89
N ASP A 27 -10.68 4.03 -7.08
CA ASP A 27 -11.63 5.12 -7.29
C ASP A 27 -11.16 6.45 -6.58
N PRO A 28 -10.74 7.47 -7.38
CA PRO A 28 -10.18 8.68 -6.77
C PRO A 28 -11.30 9.60 -6.26
N THR A 29 -12.56 9.16 -6.34
CA THR A 29 -13.72 9.89 -5.75
C THR A 29 -14.19 9.28 -4.43
N TYR A 30 -13.64 8.12 -4.04
CA TYR A 30 -13.96 7.54 -2.70
C TYR A 30 -15.50 7.34 -2.55
N SER A 31 -16.20 7.04 -3.66
CA SER A 31 -17.67 6.99 -3.68
C SER A 31 -18.29 5.79 -2.95
N ASP A 32 -17.47 4.76 -2.68
CA ASP A 32 -17.92 3.60 -1.92
C ASP A 32 -17.90 3.77 -0.40
N PHE A 33 -17.21 4.82 0.06
CA PHE A 33 -16.93 5.02 1.49
C PHE A 33 -18.18 5.11 2.37
N CYS A 34 -19.30 5.53 1.79
CA CYS A 34 -20.55 5.63 2.52
C CYS A 34 -21.11 4.23 2.82
N GLN A 35 -20.56 3.21 2.19
N GLN A 35 -20.54 3.21 2.17
CA GLN A 35 -20.99 1.85 2.49
CA GLN A 35 -20.92 1.80 2.42
C GLN A 35 -20.31 1.27 3.76
C GLN A 35 -20.15 1.13 3.58
N PHE A 36 -19.16 1.83 4.12
CA PHE A 36 -18.40 1.33 5.31
C PHE A 36 -19.19 1.60 6.59
N ARG A 37 -18.92 0.82 7.65
CA ARG A 37 -19.45 1.20 8.96
C ARG A 37 -18.93 2.61 9.26
N PRO A 38 -19.75 3.46 9.90
CA PRO A 38 -19.39 4.86 9.98
C PRO A 38 -18.24 5.13 10.96
N PRO A 39 -17.50 6.19 10.66
CA PRO A 39 -16.42 6.70 11.51
C PRO A 39 -17.09 7.22 12.78
N VAL A 40 -16.47 6.99 13.93
CA VAL A 40 -16.94 7.53 15.22
C VAL A 40 -15.71 8.13 15.90
N ARG A 41 -15.75 9.39 16.26
CA ARG A 41 -14.61 10.03 16.92
C ARG A 41 -15.05 10.55 18.29
N VAL A 42 -14.64 9.81 19.33
CA VAL A 42 -14.98 10.14 20.71
C VAL A 42 -13.96 11.11 21.30
N ASN A 43 -14.33 11.86 22.33
CA ASN A 43 -13.34 12.77 22.91
C ASN A 43 -12.23 11.99 23.61
N ASP A 44 -11.05 12.07 22.99
CA ASP A 44 -9.86 11.41 23.47
C ASP A 44 -8.79 12.46 23.82
N GLY A 45 -8.25 13.14 22.80
CA GLY A 45 -7.28 14.23 22.97
C GLY A 45 -6.05 13.89 23.81
N GLY A 46 -6.21 12.92 24.72
CA GLY A 46 -5.21 12.54 25.72
C GLY A 46 -3.80 12.06 25.35
N GLY A 47 -3.62 11.34 24.23
CA GLY A 47 -4.67 10.93 23.32
C GLY A 47 -4.10 10.04 22.22
N SER A 48 -5.30 8.71 25.25
CA SER A 48 -5.15 7.68 26.30
C SER A 48 -5.26 6.28 25.69
N VAL A 49 -4.18 5.51 25.74
CA VAL A 49 -4.16 4.13 25.26
C VAL A 49 -5.33 3.28 25.85
N THR A 50 -5.57 3.42 27.16
CA THR A 50 -6.67 2.76 27.86
C THR A 50 -8.02 3.07 27.24
N LEU A 51 -8.30 4.35 27.05
CA LEU A 51 -9.57 4.76 26.43
C LEU A 51 -9.66 4.27 24.98
N GLU A 52 -8.57 4.47 24.24
N GLU A 52 -8.57 4.44 24.23
CA GLU A 52 -8.51 4.04 22.84
CA GLU A 52 -8.54 4.00 22.83
C GLU A 52 -8.83 2.55 22.68
C GLU A 52 -8.84 2.53 22.68
N LEU A 53 -8.16 1.69 23.45
CA LEU A 53 -8.42 0.22 23.41
C LEU A 53 -9.81 -0.12 23.94
N SER A 54 -10.30 0.66 24.90
CA SER A 54 -11.62 0.46 25.47
C SER A 54 -12.75 0.63 24.42
N GLN A 55 -12.57 1.63 23.55
CA GLN A 55 -13.61 2.04 22.60
C GLN A 55 -13.38 1.54 21.15
N LEU A 56 -12.11 1.59 20.72
CA LEU A 56 -11.72 1.28 19.34
C LEU A 56 -12.73 1.92 18.33
N SER A 57 -13.09 3.17 18.58
CA SER A 57 -14.21 3.87 17.91
C SER A 57 -14.10 4.00 16.39
N MET A 58 -12.86 4.17 15.90
CA MET A 58 -12.60 4.28 14.46
C MET A 58 -12.24 2.96 13.79
N LEU A 59 -12.17 1.87 14.56
CA LEU A 59 -11.73 0.63 14.01
C LEU A 59 -12.72 0.00 12.99
N PRO A 60 -14.04 -0.01 13.28
CA PRO A 60 -14.92 -0.64 12.28
C PRO A 60 -14.79 0.06 10.89
N HIS A 61 -14.76 1.40 10.90
CA HIS A 61 -14.64 2.21 9.67
C HIS A 61 -13.32 1.93 8.95
N LEU A 62 -12.22 2.00 9.69
CA LEU A 62 -10.90 1.86 9.08
C LEU A 62 -10.59 0.43 8.74
N ALA A 63 -11.11 -0.55 9.52
CA ALA A 63 -11.00 -1.97 9.12
C ALA A 63 -11.80 -2.23 7.81
N ASP A 64 -12.97 -1.61 7.66
CA ASP A 64 -13.76 -1.78 6.42
C ASP A 64 -13.00 -1.13 5.24
N LEU A 65 -12.44 0.03 5.51
CA LEU A 65 -11.62 0.74 4.49
C LEU A 65 -10.43 -0.11 4.03
N VAL A 66 -9.68 -0.67 4.99
CA VAL A 66 -8.56 -1.56 4.67
C VAL A 66 -8.99 -2.89 4.00
N SER A 67 -10.09 -3.49 4.47
CA SER A 67 -10.60 -4.73 3.84
C SER A 67 -10.99 -4.46 2.35
N TYR A 68 -11.68 -3.35 2.12
CA TYR A 68 -12.07 -2.92 0.75
C TYR A 68 -10.80 -2.76 -0.11
N SER A 69 -9.75 -2.16 0.50
CA SER A 69 -8.50 -1.91 -0.20
C SER A 69 -7.78 -3.19 -0.49
N ILE A 70 -7.80 -4.15 0.45
CA ILE A 70 -7.21 -5.45 0.17
C ILE A 70 -7.86 -6.10 -1.06
N GLN A 71 -9.17 -6.01 -1.17
CA GLN A 71 -9.91 -6.53 -2.35
C GLN A 71 -9.44 -5.86 -3.64
N LYS A 72 -9.16 -4.54 -3.60
CA LYS A 72 -8.75 -3.78 -4.78
C LYS A 72 -7.32 -4.18 -5.18
N VAL A 73 -6.45 -4.39 -4.18
CA VAL A 73 -5.09 -4.90 -4.38
C VAL A 73 -5.07 -6.31 -5.01
N ILE A 74 -5.96 -7.20 -4.54
CA ILE A 74 -6.07 -8.56 -5.13
C ILE A 74 -6.39 -8.39 -6.60
N GLY A 75 -7.34 -7.53 -6.87
CA GLY A 75 -7.73 -7.21 -8.25
C GLY A 75 -6.60 -6.68 -9.09
N PHE A 76 -5.81 -5.73 -8.54
CA PHE A 76 -4.71 -5.10 -9.26
C PHE A 76 -3.64 -6.17 -9.57
N ALA A 77 -3.30 -7.00 -8.56
CA ALA A 77 -2.25 -8.03 -8.68
C ALA A 77 -2.57 -9.07 -9.78
N LYS A 78 -3.83 -9.48 -9.84
CA LYS A 78 -4.27 -10.40 -10.86
C LYS A 78 -4.05 -9.87 -12.28
N MET A 79 -3.93 -8.54 -12.42
CA MET A 79 -3.68 -7.91 -13.73
C MET A 79 -2.21 -7.63 -14.05
N ILE A 80 -1.32 -7.86 -13.08
CA ILE A 80 0.12 -7.70 -13.33
C ILE A 80 0.61 -8.76 -14.32
N PRO A 81 1.22 -8.33 -15.46
CA PRO A 81 1.73 -9.29 -16.45
C PRO A 81 2.67 -10.27 -15.75
N GLY A 82 2.29 -11.54 -15.78
CA GLY A 82 3.11 -12.64 -15.26
C GLY A 82 2.57 -13.24 -13.99
N PHE A 83 1.86 -12.43 -13.20
CA PHE A 83 1.36 -12.87 -11.90
C PHE A 83 0.49 -14.12 -11.96
N ARG A 84 -0.32 -14.25 -13.01
N ARG A 84 -0.32 -14.25 -13.01
CA ARG A 84 -1.20 -15.42 -13.15
CA ARG A 84 -1.19 -15.43 -13.13
C ARG A 84 -0.40 -16.68 -13.55
C ARG A 84 -0.45 -16.67 -13.67
N ASP A 85 0.79 -16.49 -14.09
CA ASP A 85 1.72 -17.61 -14.41
C ASP A 85 2.26 -18.31 -13.15
N LEU A 86 2.16 -17.63 -12.00
CA LEU A 86 2.58 -18.18 -10.71
C LEU A 86 1.57 -19.19 -10.23
N THR A 87 1.96 -20.09 -9.33
CA THR A 87 1.03 -21.03 -8.71
C THR A 87 0.08 -20.26 -7.81
N SER A 88 -1.13 -20.77 -7.63
CA SER A 88 -2.07 -20.09 -6.77
C SER A 88 -1.45 -19.97 -5.37
N GLU A 89 -0.61 -20.94 -4.97
CA GLU A 89 0.02 -20.91 -3.66
C GLU A 89 1.01 -19.75 -3.50
N ASP A 90 1.78 -19.47 -4.54
CA ASP A 90 2.69 -18.34 -4.54
C ASP A 90 1.94 -16.99 -4.66
N GLN A 91 0.90 -16.95 -5.51
CA GLN A 91 -0.01 -15.78 -5.59
C GLN A 91 -0.52 -15.35 -4.19
N ILE A 92 -1.02 -16.31 -3.43
CA ILE A 92 -1.54 -16.00 -2.10
C ILE A 92 -0.46 -15.61 -1.10
N VAL A 93 0.70 -16.26 -1.16
CA VAL A 93 1.82 -15.91 -0.27
C VAL A 93 2.18 -14.45 -0.49
N LEU A 94 2.33 -14.09 -1.76
CA LEU A 94 2.73 -12.77 -2.16
C LEU A 94 1.67 -11.72 -1.76
N LEU A 95 0.40 -12.05 -1.95
CA LEU A 95 -0.67 -11.11 -1.61
C LEU A 95 -0.75 -10.87 -0.10
N LYS A 96 -0.75 -11.92 0.69
CA LYS A 96 -0.85 -11.77 2.12
C LYS A 96 0.34 -11.04 2.71
N SER A 97 1.54 -11.29 2.21
CA SER A 97 2.67 -10.59 2.80
C SER A 97 2.88 -9.15 2.26
N SER A 98 2.38 -8.82 1.06
CA SER A 98 2.49 -7.44 0.55
C SER A 98 1.26 -6.55 0.85
N ALA A 99 0.11 -7.15 1.18
CA ALA A 99 -1.15 -6.40 1.27
C ALA A 99 -1.00 -5.06 2.03
N ILE A 100 -0.50 -5.10 3.25
CA ILE A 100 -0.39 -3.85 4.06
C ILE A 100 0.56 -2.79 3.41
N GLU A 101 1.63 -3.28 2.78
CA GLU A 101 2.59 -2.42 2.10
C GLU A 101 1.98 -1.73 0.86
N VAL A 102 1.20 -2.47 0.07
CA VAL A 102 0.57 -1.88 -1.10
C VAL A 102 -0.53 -0.89 -0.67
N ILE A 103 -1.27 -1.23 0.39
CA ILE A 103 -2.22 -0.27 0.93
C ILE A 103 -1.51 1.04 1.34
N MET A 104 -0.41 0.92 2.08
CA MET A 104 0.38 2.12 2.44
C MET A 104 0.83 2.91 1.17
N LEU A 105 1.39 2.21 0.19
CA LEU A 105 1.73 2.82 -1.11
C LEU A 105 0.55 3.51 -1.82
N ARG A 106 -0.56 2.77 -2.03
CA ARG A 106 -1.68 3.29 -2.81
C ARG A 106 -2.42 4.43 -2.09
N SER A 107 -2.33 4.44 -0.76
CA SER A 107 -2.95 5.51 0.09
C SER A 107 -2.25 6.85 -0.09
N ASN A 108 -1.10 6.83 -0.72
CA ASN A 108 -0.36 8.08 -0.98
C ASN A 108 -1.13 8.99 -1.92
N GLU A 109 -2.01 8.38 -2.73
CA GLU A 109 -2.86 9.15 -3.68
C GLU A 109 -3.88 10.03 -2.92
N SER A 110 -4.35 9.59 -1.76
CA SER A 110 -5.31 10.42 -0.99
C SER A 110 -4.63 11.29 0.05
N PHE A 111 -3.39 10.95 0.34
CA PHE A 111 -2.57 11.73 1.28
C PHE A 111 -2.26 13.13 0.74
N THR A 112 -2.38 14.13 1.63
CA THR A 112 -2.10 15.52 1.31
C THR A 112 -1.15 16.16 2.32
N MET A 113 -0.13 16.85 1.79
CA MET A 113 0.76 17.61 2.66
C MET A 113 0.18 18.94 3.07
N ASP A 114 -1.03 19.27 2.59
CA ASP A 114 -1.72 20.50 3.04
C ASP A 114 -1.89 20.50 4.57
N ASP A 115 -2.36 19.36 5.14
CA ASP A 115 -2.46 19.20 6.60
C ASP A 115 -2.06 17.81 7.09
N MET A 116 -1.25 17.10 6.32
CA MET A 116 -0.77 15.78 6.70
C MET A 116 -1.90 14.82 7.06
N SER A 117 -2.86 14.68 6.16
CA SER A 117 -3.95 13.76 6.37
C SER A 117 -4.15 12.96 5.09
N TRP A 118 -4.85 11.85 5.24
CA TRP A 118 -5.44 11.11 4.10
C TRP A 118 -6.83 11.69 3.91
N THR A 119 -7.01 12.45 2.83
CA THR A 119 -8.29 13.16 2.60
C THR A 119 -9.13 12.44 1.54
N CYS A 120 -10.17 11.71 1.99
CA CYS A 120 -11.06 11.00 1.07
C CYS A 120 -12.57 11.45 1.05
N GLY A 121 -13.00 12.65 1.44
CA GLY A 121 -12.36 13.90 1.30
C GLY A 121 -12.36 14.92 2.43
N ASN A 122 -13.38 15.72 2.69
CA ASN A 122 -14.82 15.53 2.79
C ASN A 122 -14.67 16.26 4.14
N GLN A 123 -15.01 15.56 5.22
N GLN A 123 -14.99 15.57 5.22
CA GLN A 123 -14.69 15.97 6.57
CA GLN A 123 -14.33 15.73 6.53
C GLN A 123 -14.73 14.67 7.38
C GLN A 123 -14.68 14.59 7.46
N ASP A 124 -15.82 13.91 7.21
CA ASP A 124 -16.07 12.60 7.85
C ASP A 124 -14.98 11.59 7.40
N TYR A 125 -14.58 11.69 6.13
CA TYR A 125 -13.59 10.79 5.51
C TYR A 125 -12.18 11.41 5.36
N LYS A 126 -11.83 12.24 6.34
CA LYS A 126 -10.48 12.75 6.48
C LYS A 126 -9.85 12.05 7.69
N TYR A 127 -8.73 11.37 7.46
CA TYR A 127 -8.05 10.61 8.49
C TYR A 127 -6.71 11.23 8.90
N ARG A 128 -6.57 11.45 10.21
N ARG A 128 -6.54 11.47 10.20
CA ARG A 128 -5.40 12.09 10.83
CA ARG A 128 -5.27 12.01 10.67
C ARG A 128 -4.72 11.09 11.77
C ARG A 128 -4.73 11.13 11.78
N VAL A 129 -3.55 11.48 12.30
CA VAL A 129 -2.90 10.68 13.33
C VAL A 129 -3.87 10.30 14.45
N SER A 130 -4.70 11.25 14.88
CA SER A 130 -5.62 11.00 15.97
C SER A 130 -6.67 9.93 15.61
N ASP A 131 -7.09 9.91 14.35
CA ASP A 131 -8.04 8.85 13.94
C ASP A 131 -7.43 7.47 13.96
N VAL A 132 -6.14 7.38 13.63
CA VAL A 132 -5.45 6.10 13.60
C VAL A 132 -5.20 5.59 15.03
N THR A 133 -4.95 6.49 15.97
CA THR A 133 -4.86 6.05 17.37
C THR A 133 -6.21 5.59 17.93
N LYS A 134 -7.31 6.22 17.53
CA LYS A 134 -8.64 5.72 17.87
C LYS A 134 -8.98 4.37 17.28
N ALA A 135 -8.15 3.84 16.38
CA ALA A 135 -8.35 2.46 15.93
C ALA A 135 -7.41 1.50 16.60
N GLY A 136 -6.66 1.95 17.62
CA GLY A 136 -5.85 1.00 18.41
C GLY A 136 -4.36 0.93 18.13
N HIS A 137 -3.87 1.76 17.19
CA HIS A 137 -2.45 1.84 16.86
C HIS A 137 -1.76 2.92 17.65
N SER A 138 -0.44 2.84 17.69
CA SER A 138 0.32 3.77 18.50
C SER A 138 1.31 4.51 17.57
N LEU A 139 1.91 5.60 18.09
CA LEU A 139 2.83 6.50 17.38
C LEU A 139 4.08 5.83 16.78
N GLU A 140 4.52 4.74 17.41
N GLU A 140 4.53 4.72 17.35
CA GLU A 140 5.58 3.87 16.87
CA GLU A 140 5.67 3.99 16.76
C GLU A 140 5.35 3.47 15.40
C GLU A 140 5.37 3.36 15.39
N LEU A 141 4.09 3.29 15.04
CA LEU A 141 3.71 2.97 13.64
C LEU A 141 3.30 4.24 12.89
N ILE A 142 2.46 5.04 13.52
CA ILE A 142 1.84 6.18 12.81
C ILE A 142 2.83 7.27 12.39
N GLU A 143 3.76 7.62 13.27
CA GLU A 143 4.68 8.70 12.95
C GLU A 143 5.60 8.32 11.78
N PRO A 144 6.23 7.14 11.81
CA PRO A 144 7.04 6.84 10.63
C PRO A 144 6.19 6.60 9.37
N LEU A 145 4.94 6.17 9.55
CA LEU A 145 4.04 6.04 8.37
C LEU A 145 3.81 7.42 7.73
N ILE A 146 3.57 8.45 8.54
CA ILE A 146 3.43 9.86 8.04
C ILE A 146 4.72 10.31 7.32
N LYS A 147 5.87 10.05 7.93
CA LYS A 147 7.21 10.36 7.36
C LYS A 147 7.35 9.74 5.97
N PHE A 148 6.95 8.47 5.91
CA PHE A 148 6.95 7.69 4.68
C PHE A 148 6.08 8.33 3.62
N GLN A 149 4.85 8.72 3.96
CA GLN A 149 3.93 9.34 3.00
C GLN A 149 4.48 10.66 2.43
N VAL A 150 5.04 11.50 3.31
CA VAL A 150 5.70 12.73 2.87
C VAL A 150 6.89 12.46 1.95
N GLY A 151 7.74 11.51 2.35
CA GLY A 151 8.91 11.06 1.53
C GLY A 151 8.51 10.63 0.13
N LEU A 152 7.43 9.86 0.06
CA LEU A 152 6.89 9.36 -1.20
C LEU A 152 6.26 10.47 -2.02
N LYS A 153 5.48 11.34 -1.38
CA LYS A 153 4.86 12.45 -2.11
C LYS A 153 5.89 13.30 -2.82
N LYS A 154 6.99 13.55 -2.12
CA LYS A 154 8.07 14.39 -2.61
C LYS A 154 8.93 13.78 -3.73
N LEU A 155 8.83 12.46 -3.95
CA LEU A 155 9.35 11.86 -5.17
C LEU A 155 8.58 12.34 -6.44
N ASN A 156 7.37 12.85 -6.25
CA ASN A 156 6.55 13.35 -7.36
C ASN A 156 6.49 12.33 -8.49
N LEU A 157 6.11 11.10 -8.14
CA LEU A 157 6.14 10.01 -9.11
C LEU A 157 5.14 10.22 -10.25
N HIS A 158 5.51 9.84 -11.47
CA HIS A 158 4.54 9.76 -12.55
C HIS A 158 3.63 8.61 -12.21
N GLU A 159 2.42 8.61 -12.75
CA GLU A 159 1.53 7.49 -12.44
C GLU A 159 2.10 6.17 -12.92
N GLU A 160 2.87 6.18 -14.02
CA GLU A 160 3.55 5.00 -14.52
C GLU A 160 4.53 4.43 -13.47
N GLU A 161 5.23 5.32 -12.78
CA GLU A 161 6.20 4.94 -11.78
C GLU A 161 5.53 4.36 -10.51
N HIS A 162 4.44 5.00 -10.09
CA HIS A 162 3.62 4.59 -8.98
C HIS A 162 3.06 3.17 -9.18
N VAL A 163 2.46 2.89 -10.33
CA VAL A 163 1.88 1.52 -10.56
C VAL A 163 2.96 0.43 -10.71
N LEU A 164 4.12 0.80 -11.29
CA LEU A 164 5.21 -0.16 -11.36
C LEU A 164 5.79 -0.47 -9.98
N LEU A 165 5.87 0.54 -9.12
CA LEU A 165 6.42 0.34 -7.78
C LEU A 165 5.48 -0.53 -7.00
N MET A 166 4.16 -0.36 -7.16
CA MET A 166 3.23 -1.29 -6.49
C MET A 166 3.37 -2.77 -6.97
N ALA A 167 3.51 -2.94 -8.29
CA ALA A 167 3.67 -4.28 -8.89
C ALA A 167 4.98 -4.91 -8.40
N ILE A 168 6.05 -4.12 -8.36
CA ILE A 168 7.35 -4.61 -7.89
C ILE A 168 7.26 -5.02 -6.41
N CYS A 169 6.56 -4.21 -5.62
CA CYS A 169 6.32 -4.54 -4.20
C CYS A 169 5.65 -5.91 -4.06
N ILE A 170 4.58 -6.15 -4.81
CA ILE A 170 3.82 -7.40 -4.70
C ILE A 170 4.65 -8.64 -5.17
N VAL A 171 5.28 -8.56 -6.34
CA VAL A 171 6.03 -9.70 -6.89
C VAL A 171 7.49 -9.67 -6.39
N SER A 172 7.68 -9.95 -5.10
CA SER A 172 9.01 -9.88 -4.47
C SER A 172 9.44 -11.31 -4.14
N PRO A 173 10.59 -11.75 -4.68
CA PRO A 173 10.98 -13.16 -4.46
C PRO A 173 11.41 -13.45 -3.00
N ASP A 174 11.75 -12.40 -2.25
CA ASP A 174 12.17 -12.56 -0.85
C ASP A 174 11.00 -12.31 0.11
N ARG A 175 9.92 -13.07 -0.04
CA ARG A 175 8.87 -13.07 0.96
C ARG A 175 8.99 -14.41 1.60
N PRO A 176 8.76 -14.48 2.93
CA PRO A 176 8.73 -15.80 3.60
C PRO A 176 7.68 -16.74 3.01
N GLY A 177 8.09 -17.94 2.63
CA GLY A 177 7.14 -18.99 2.22
C GLY A 177 6.92 -19.13 0.73
N VAL A 178 7.62 -18.35 -0.08
CA VAL A 178 7.53 -18.47 -1.54
C VAL A 178 8.25 -19.75 -1.98
N GLN A 179 7.71 -20.41 -3.00
N GLN A 179 7.66 -20.43 -2.94
CA GLN A 179 8.22 -21.71 -3.48
CA GLN A 179 8.23 -21.66 -3.47
C GLN A 179 8.99 -21.67 -4.79
C GLN A 179 9.12 -21.32 -4.65
N ASP A 180 8.52 -20.88 -5.75
CA ASP A 180 9.26 -20.63 -6.99
C ASP A 180 9.81 -19.22 -7.03
N ALA A 181 10.77 -18.97 -6.16
CA ALA A 181 11.46 -17.70 -6.07
C ALA A 181 12.09 -17.23 -7.40
N ALA A 182 12.62 -18.18 -8.21
CA ALA A 182 13.24 -17.77 -9.49
C ALA A 182 12.23 -17.19 -10.48
N LEU A 183 11.03 -17.77 -10.52
CA LEU A 183 9.98 -17.30 -11.42
C LEU A 183 9.48 -15.90 -10.98
N ILE A 184 9.27 -15.74 -9.69
CA ILE A 184 8.84 -14.44 -9.12
C ILE A 184 9.91 -13.38 -9.42
N GLU A 185 11.18 -13.76 -9.26
CA GLU A 185 12.30 -12.86 -9.53
C GLU A 185 12.38 -12.49 -11.01
N ALA A 186 12.11 -13.45 -11.90
CA ALA A 186 12.00 -13.18 -13.34
C ALA A 186 10.92 -12.12 -13.63
N ILE A 187 9.72 -12.34 -13.12
CA ILE A 187 8.60 -11.35 -13.24
C ILE A 187 9.01 -10.00 -12.66
N GLN A 188 9.58 -10.00 -11.46
CA GLN A 188 10.03 -8.73 -10.87
C GLN A 188 11.08 -8.06 -11.71
N ASP A 189 12.06 -8.83 -12.22
CA ASP A 189 13.13 -8.22 -13.02
C ASP A 189 12.58 -7.53 -14.26
N ARG A 190 11.64 -8.17 -14.93
CA ARG A 190 10.95 -7.59 -16.11
C ARG A 190 10.29 -6.26 -15.71
N LEU A 191 9.59 -6.25 -14.58
CA LEU A 191 8.99 -4.97 -14.07
C LEU A 191 10.06 -3.92 -13.71
N SER A 192 11.10 -4.34 -12.99
N SER A 192 11.09 -4.36 -12.99
CA SER A 192 12.16 -3.42 -12.56
CA SER A 192 12.17 -3.47 -12.54
C SER A 192 12.93 -2.84 -13.74
C SER A 192 12.95 -2.87 -13.70
N ASN A 193 13.21 -3.67 -14.74
CA ASN A 193 13.86 -3.17 -15.97
C ASN A 193 12.95 -2.17 -16.70
N THR A 194 11.64 -2.43 -16.72
CA THR A 194 10.66 -1.49 -17.30
C THR A 194 10.74 -0.12 -16.59
N LEU A 195 10.75 -0.17 -15.26
CA LEU A 195 10.79 1.04 -14.43
C LEU A 195 12.12 1.78 -14.63
N GLN A 196 13.22 1.06 -14.57
CA GLN A 196 14.54 1.70 -14.81
C GLN A 196 14.63 2.46 -16.13
N THR A 197 14.22 1.80 -17.21
CA THR A 197 14.13 2.32 -18.60
C THR A 197 13.18 3.49 -18.71
N TYR A 198 11.97 3.34 -18.17
CA TYR A 198 11.03 4.45 -18.07
C TYR A 198 11.67 5.67 -17.45
N ILE A 199 12.28 5.54 -16.27
CA ILE A 199 12.88 6.70 -15.57
C ILE A 199 13.95 7.44 -16.42
N ARG A 200 14.83 6.66 -17.04
CA ARG A 200 15.89 7.17 -17.96
C ARG A 200 15.31 7.89 -19.18
N CYS A 201 14.26 7.32 -19.75
CA CYS A 201 13.56 7.83 -20.93
C CYS A 201 12.80 9.09 -20.71
N ARG A 202 12.09 9.13 -19.58
CA ARG A 202 10.91 9.96 -19.47
C ARG A 202 11.01 10.98 -18.37
N HIS A 203 11.99 10.82 -17.50
CA HIS A 203 12.03 11.66 -16.31
C HIS A 203 13.08 12.75 -16.40
N PRO A 204 12.64 14.03 -16.38
CA PRO A 204 13.53 15.20 -16.39
C PRO A 204 14.03 15.52 -14.97
N PRO A 205 15.17 16.25 -14.83
CA PRO A 205 16.21 16.78 -15.76
C PRO A 205 16.55 15.96 -17.03
N PRO A 206 17.25 14.78 -16.94
CA PRO A 206 17.97 14.06 -15.88
C PRO A 206 19.52 14.32 -15.93
N GLY A 207 20.32 13.77 -15.00
CA GLY A 207 19.99 12.56 -14.22
C GLY A 207 19.45 12.56 -12.81
N SER A 208 18.14 12.70 -12.67
CA SER A 208 17.47 12.14 -11.48
C SER A 208 17.23 10.63 -11.70
N HIS A 209 18.13 10.03 -12.49
N HIS A 209 18.14 9.98 -12.43
CA HIS A 209 18.41 8.59 -12.55
CA HIS A 209 18.14 8.52 -12.52
C HIS A 209 18.27 7.98 -11.16
C HIS A 209 18.31 7.90 -11.13
N LEU A 210 18.91 8.69 -10.20
CA LEU A 210 18.85 8.50 -8.72
C LEU A 210 17.46 8.24 -8.13
N LEU A 211 16.43 8.61 -8.90
CA LEU A 211 15.06 8.32 -8.52
C LEU A 211 14.85 6.81 -8.32
N TYR A 212 15.43 5.97 -9.18
CA TYR A 212 15.27 4.54 -9.02
C TYR A 212 15.78 4.06 -7.66
N ALA A 213 16.94 4.53 -7.20
CA ALA A 213 17.43 4.10 -5.85
C ALA A 213 16.53 4.58 -4.71
N LYS A 214 16.00 5.80 -4.81
CA LYS A 214 15.05 6.32 -3.86
C LYS A 214 13.77 5.48 -3.77
N MET A 215 13.28 4.98 -4.90
CA MET A 215 12.08 4.08 -4.95
C MET A 215 12.35 2.72 -4.32
N ILE A 216 13.52 2.16 -4.61
CA ILE A 216 13.92 0.91 -3.98
C ILE A 216 14.07 1.08 -2.47
N GLN A 217 14.63 2.19 -2.02
CA GLN A 217 14.71 2.49 -0.57
C GLN A 217 13.30 2.54 0.09
N LYS A 218 12.30 3.10 -0.61
CA LYS A 218 10.88 3.07 -0.10
C LYS A 218 10.39 1.67 0.11
N LEU A 219 10.78 0.77 -0.78
CA LEU A 219 10.42 -0.64 -0.62
C LEU A 219 11.05 -1.25 0.65
N ALA A 220 12.31 -0.89 0.94
CA ALA A 220 12.93 -1.26 2.22
C ALA A 220 12.18 -0.66 3.41
N ASP A 221 11.84 0.65 3.38
CA ASP A 221 11.09 1.28 4.47
C ASP A 221 9.76 0.57 4.71
N LEU A 222 9.09 0.19 3.63
CA LEU A 222 7.82 -0.53 3.72
C LEU A 222 7.90 -1.87 4.49
N ARG A 223 9.00 -2.61 4.32
CA ARG A 223 9.25 -3.83 5.11
C ARG A 223 9.30 -3.55 6.61
N SER A 224 9.92 -2.43 7.03
CA SER A 224 9.96 -2.06 8.45
C SER A 224 8.60 -1.64 8.96
N LEU A 225 7.82 -0.94 8.15
CA LEU A 225 6.48 -0.55 8.56
C LEU A 225 5.56 -1.77 8.65
N ASN A 226 5.71 -2.72 7.73
CA ASN A 226 5.02 -4.03 7.76
C ASN A 226 5.31 -4.76 9.11
N GLU A 227 6.59 -4.89 9.50
N GLU A 227 6.59 -4.85 9.45
CA GLU A 227 6.88 -5.52 10.81
CA GLU A 227 7.02 -5.41 10.74
C GLU A 227 6.29 -4.76 11.99
C GLU A 227 6.36 -4.75 11.93
N GLU A 228 6.38 -3.42 12.01
CA GLU A 228 5.72 -2.67 13.09
C GLU A 228 4.20 -2.88 13.05
N HIS A 229 3.59 -2.85 11.86
CA HIS A 229 2.15 -3.12 11.79
C HIS A 229 1.79 -4.51 12.39
N SER A 230 2.56 -5.53 12.03
CA SER A 230 2.32 -6.88 12.52
C SER A 230 2.31 -6.94 14.05
N LYS A 231 3.32 -6.32 14.66
CA LYS A 231 3.43 -6.18 16.12
C LYS A 231 2.20 -5.54 16.71
N GLN A 232 1.80 -4.41 16.15
CA GLN A 232 0.64 -3.70 16.67
C GLN A 232 -0.72 -4.41 16.41
N TYR A 233 -0.83 -5.06 15.28
CA TYR A 233 -2.05 -5.81 14.99
C TYR A 233 -2.20 -6.95 16.02
N ARG A 234 -1.12 -7.66 16.31
CA ARG A 234 -1.09 -8.69 17.37
C ARG A 234 -1.73 -8.12 18.64
N CYS A 235 -1.23 -6.97 19.08
CA CYS A 235 -1.76 -6.31 20.29
C CYS A 235 -3.23 -5.96 20.21
N LEU A 236 -3.63 -5.34 19.10
CA LEU A 236 -5.03 -5.11 18.79
C LEU A 236 -5.84 -6.38 18.91
N SER A 237 -5.31 -7.49 18.43
CA SER A 237 -6.09 -8.75 18.37
C SER A 237 -6.40 -9.35 19.78
N PHE A 238 -5.66 -8.89 20.78
CA PHE A 238 -5.86 -9.34 22.15
C PHE A 238 -7.01 -8.60 22.83
N GLN A 239 -7.51 -7.51 22.24
CA GLN A 239 -8.58 -6.72 22.85
C GLN A 239 -9.89 -7.51 22.70
N PRO A 240 -10.54 -7.85 23.84
CA PRO A 240 -11.79 -8.65 23.76
C PRO A 240 -12.83 -8.02 22.82
N GLU A 241 -13.51 -8.85 22.03
CA GLU A 241 -14.48 -8.42 21.00
C GLU A 241 -13.88 -7.69 19.81
N CYS A 242 -12.55 -7.66 19.68
CA CYS A 242 -11.95 -6.94 18.57
C CYS A 242 -12.39 -7.52 17.20
N SER A 243 -12.56 -8.84 17.13
CA SER A 243 -12.83 -9.52 15.84
C SER A 243 -14.13 -9.02 15.16
N MET A 244 -15.14 -8.67 15.97
N MET A 244 -15.14 -8.65 15.94
CA MET A 244 -16.38 -8.01 15.54
CA MET A 244 -16.38 -8.08 15.41
C MET A 244 -16.08 -6.78 14.71
C MET A 244 -16.17 -6.69 14.78
N LYS A 245 -15.07 -6.03 15.15
CA LYS A 245 -14.74 -4.72 14.59
C LYS A 245 -13.88 -4.82 13.32
N LEU A 246 -13.37 -6.02 13.04
CA LEU A 246 -12.53 -6.26 11.87
C LEU A 246 -13.42 -6.87 10.78
N THR A 247 -12.85 -7.64 9.84
CA THR A 247 -13.65 -8.34 8.82
C THR A 247 -12.97 -9.67 8.63
N PRO A 248 -13.68 -10.69 8.08
CA PRO A 248 -13.01 -11.95 7.78
C PRO A 248 -11.76 -11.91 6.93
N LEU A 249 -11.72 -11.04 5.90
CA LEU A 249 -10.55 -10.90 5.06
C LEU A 249 -9.39 -10.31 5.85
N VAL A 250 -9.65 -9.28 6.63
CA VAL A 250 -8.59 -8.67 7.47
C VAL A 250 -8.01 -9.70 8.49
N LEU A 251 -8.91 -10.42 9.17
CA LEU A 251 -8.49 -11.49 10.08
C LEU A 251 -7.55 -12.52 9.42
N GLU A 252 -7.90 -12.96 8.23
CA GLU A 252 -7.07 -13.95 7.52
C GLU A 252 -5.69 -13.38 7.12
N VAL A 253 -5.73 -12.23 6.42
CA VAL A 253 -4.52 -11.62 5.88
C VAL A 253 -3.53 -11.26 7.01
N PHE A 254 -4.03 -10.68 8.09
CA PHE A 254 -3.15 -10.24 9.16
C PHE A 254 -3.02 -11.22 10.36
N GLY A 255 -3.92 -12.19 10.48
CA GLY A 255 -4.04 -12.99 11.74
C GLY A 255 -5.14 -12.49 12.70
#